data_1E3H
#
_entry.id   1E3H
#
_cell.length_a   133.610
_cell.length_b   133.610
_cell.length_c   344.470
_cell.angle_alpha   90.00
_cell.angle_beta   90.00
_cell.angle_gamma   120.00
#
_symmetry.space_group_name_H-M   'H 3 2'
#
loop_
_entity.id
_entity.type
_entity.pdbx_description
1 polymer 'GUANOSINE PENTAPHOSPHATE SYNTHETASE'
2 non-polymer 'SULFATE ION'
3 water water
#
_entity_poly.entity_id   1
_entity_poly.type   'polypeptide(L)'
_entity_poly.pdbx_seq_one_letter_code
;AS(MSE)TGGQQ(MSE)GRGSGSEF(MSE)ENETHYAEAVIDNGAFGTRTIRFETGRLARQAAGSAVAYLDDDT(MSE)V
LSATTASKNPKDQLDFFPLTVDVEER(MSE)YAAGKIPGSFFRREGRPSEDAILTCRLIDRPLRPSFKKGLRNEIQVVAT
I(MSE)ALNPDHLYDVVAINAASASTQLAGLPFSGPIGGVRVALIRGQWVAFPTHTELEDAVFD(MSE)VVAGRVLEDGD
VAI(MSE)(MSE)VEAEATEKTIQLVKDGAEAPTEEVVAAGLDAAKPFIKVLCKAQADLAAKAAKPTGEFPVFLDYQDDV
LEALSAAVRPELSAALTIAGKQDREAELDRVKALAAEKLLPEFEGREKEISAAYRALTKSLVRERVIAEKKRIDGRGVTD
IRTLAAEVEAIPRVHGSALFERGETQILGVTTLN(MSE)LR(MSE)EQQLDTLSPVTRKRY(MSE)HNYNFPPYSVGETG
RVGSPKRREIGHGALAERAIVPVLPTREEFPYAIRQVSEALGSNGSTS(MSE)GSVCAST(MSE)SLLNAGVPLKAPVAG
IA(MSE)GLISQEINGETHYVALTDILGAEDAFGD(MSE)DFKVAGTKEFVTALQLDTKLDGIPASVLAAALKQARDARL
HILDV(MSE)(MSE)EAIDTPDE(MSE)SPNAPRIITVKIPVDKIGEVIGPKRQ(MSE)INQIQEDTGAEITIEDDGTIY
IGAADGPAAEAARATINGIANPTSPEVGERILGSVVKTTTFGAFVSLLPGKDGLLHISQIRKLAGGKRVENVEDVLGVGQ
KVQVEIAEIDSRGKLSLIPVIEGEEAASDEKKDDAEQ
;
_entity_poly.pdbx_strand_id   A
#
# COMPACT_ATOMS: atom_id res chain seq x y z
N ASN A 20 -14.28 36.76 6.09
CA ASN A 20 -14.21 35.65 7.09
C ASN A 20 -15.57 34.98 7.29
N GLU A 21 -15.97 34.16 6.31
CA GLU A 21 -17.25 33.45 6.36
C GLU A 21 -17.02 31.94 6.24
N THR A 22 -17.97 31.18 6.73
CA THR A 22 -17.90 29.72 6.70
C THR A 22 -18.61 29.16 5.45
N HIS A 23 -17.94 28.26 4.75
CA HIS A 23 -18.52 27.64 3.55
C HIS A 23 -18.70 26.14 3.76
N TYR A 24 -19.74 25.58 3.14
CA TYR A 24 -20.06 24.16 3.26
C TYR A 24 -20.34 23.54 1.89
N ALA A 25 -20.37 22.23 1.85
CA ALA A 25 -20.65 21.48 0.62
C ALA A 25 -20.89 20.06 1.08
N GLU A 26 -21.79 19.34 0.42
CA GLU A 26 -22.10 17.97 0.82
C GLU A 26 -21.98 16.95 -0.28
N ALA A 27 -21.60 15.74 0.13
CA ALA A 27 -21.49 14.62 -0.76
C ALA A 27 -22.47 13.58 -0.22
N VAL A 28 -23.59 13.42 -0.92
CA VAL A 28 -24.61 12.48 -0.51
C VAL A 28 -24.25 11.08 -1.00
N ILE A 29 -24.16 10.14 -0.07
CA ILE A 29 -23.81 8.76 -0.35
C ILE A 29 -25.07 7.91 -0.20
N ASP A 30 -25.59 7.42 -1.32
CA ASP A 30 -26.82 6.64 -1.32
C ASP A 30 -26.55 5.14 -1.37
N ASN A 31 -26.86 4.43 -0.30
CA ASN A 31 -26.63 2.99 -0.27
C ASN A 31 -27.93 2.19 -0.35
N GLY A 32 -28.99 2.80 -0.87
CA GLY A 32 -30.27 2.12 -1.03
C GLY A 32 -30.88 1.61 0.27
N ALA A 33 -31.16 0.31 0.28
CA ALA A 33 -31.75 -0.31 1.45
C ALA A 33 -30.91 -0.16 2.70
N PHE A 34 -29.62 0.06 2.54
CA PHE A 34 -28.73 0.23 3.70
C PHE A 34 -28.72 1.66 4.23
N GLY A 35 -29.46 2.54 3.56
CA GLY A 35 -29.55 3.92 4.01
C GLY A 35 -28.69 4.91 3.26
N THR A 36 -28.86 6.17 3.60
CA THR A 36 -28.09 7.25 3.00
C THR A 36 -27.27 7.93 4.10
N ARG A 37 -26.03 8.29 3.77
CA ARG A 37 -25.18 9.00 4.72
C ARG A 37 -24.57 10.16 3.98
N THR A 38 -23.97 11.07 4.73
CA THR A 38 -23.40 12.25 4.12
C THR A 38 -22.04 12.64 4.66
N ILE A 39 -21.16 13.03 3.75
CA ILE A 39 -19.85 13.52 4.12
C ILE A 39 -20.01 15.01 3.87
N ARG A 40 -19.90 15.82 4.92
CA ARG A 40 -20.06 17.25 4.80
C ARG A 40 -18.73 17.97 4.97
N PHE A 41 -18.41 18.87 4.05
CA PHE A 41 -17.16 19.62 4.11
C PHE A 41 -17.38 21.03 4.63
N GLU A 42 -16.40 21.55 5.34
CA GLU A 42 -16.48 22.88 5.90
C GLU A 42 -15.12 23.57 5.87
N THR A 43 -15.15 24.90 5.71
CA THR A 43 -13.93 25.68 5.71
C THR A 43 -14.28 27.12 6.05
N GLY A 44 -13.40 27.81 6.76
CA GLY A 44 -13.67 29.18 7.11
C GLY A 44 -13.68 29.53 8.58
N ARG A 45 -13.98 28.58 9.45
CA ARG A 45 -13.98 28.95 10.86
C ARG A 45 -12.82 28.38 11.69
N LEU A 46 -12.28 27.23 11.30
CA LEU A 46 -11.17 26.60 12.02
C LEU A 46 -9.82 26.70 11.33
N ALA A 47 -8.76 26.89 12.13
CA ALA A 47 -7.37 26.97 11.65
C ALA A 47 -7.19 27.86 10.42
N ARG A 48 -7.47 29.14 10.61
CA ARG A 48 -7.37 30.10 9.52
C ARG A 48 -5.96 30.58 9.17
N GLN A 49 -4.94 30.15 9.91
CA GLN A 49 -3.58 30.58 9.59
C GLN A 49 -2.88 29.62 8.65
N ALA A 50 -3.43 28.42 8.50
CA ALA A 50 -2.84 27.43 7.61
C ALA A 50 -3.12 27.83 6.16
N ALA A 51 -2.24 27.40 5.24
CA ALA A 51 -2.44 27.71 3.83
C ALA A 51 -3.81 27.23 3.37
N GLY A 52 -4.21 26.07 3.90
CA GLY A 52 -5.49 25.50 3.55
C GLY A 52 -6.00 24.70 4.72
N SER A 53 -7.31 24.78 4.98
CA SER A 53 -7.90 24.08 6.09
C SER A 53 -9.32 23.63 5.74
N ALA A 54 -9.69 22.44 6.16
CA ALA A 54 -11.02 21.92 5.90
C ALA A 54 -11.45 20.88 6.94
N VAL A 55 -12.74 20.78 7.18
CA VAL A 55 -13.26 19.79 8.11
C VAL A 55 -14.17 18.88 7.29
N ALA A 56 -14.21 17.61 7.66
CA ALA A 56 -15.07 16.66 6.97
C ALA A 56 -15.83 15.92 8.06
N TYR A 57 -17.16 15.91 7.95
CA TYR A 57 -17.99 15.20 8.91
C TYR A 57 -18.66 14.05 8.20
N LEU A 58 -18.91 12.97 8.93
CA LEU A 58 -19.63 11.82 8.40
C LEU A 58 -20.91 11.88 9.24
N ASP A 59 -22.03 12.17 8.57
CA ASP A 59 -23.33 12.32 9.24
C ASP A 59 -23.26 13.31 10.42
N ASP A 60 -22.53 14.40 10.22
CA ASP A 60 -22.37 15.44 11.25
C ASP A 60 -22.08 14.86 12.62
N ASP A 61 -21.45 13.70 12.63
CA ASP A 61 -21.16 13.01 13.88
C ASP A 61 -19.66 12.81 14.06
N THR A 62 -19.04 12.09 13.13
CA THR A 62 -17.62 11.86 13.15
C THR A 62 -16.99 13.11 12.51
N VAL A 64 -13.24 15.16 11.29
CA VAL A 64 -11.81 15.18 11.02
C VAL A 64 -11.42 16.57 10.52
N LEU A 65 -10.45 17.18 11.19
CA LEU A 65 -9.95 18.49 10.81
C LEU A 65 -8.65 18.27 10.07
N SER A 66 -8.48 18.97 8.96
CA SER A 66 -7.24 18.84 8.20
C SER A 66 -6.66 20.20 7.88
N ALA A 67 -5.36 20.35 8.09
CA ALA A 67 -4.71 21.60 7.80
C ALA A 67 -3.48 21.32 6.95
N THR A 68 -3.36 22.07 5.85
CA THR A 68 -2.22 21.93 4.96
C THR A 68 -1.39 23.22 4.98
N THR A 69 -0.09 23.07 5.17
CA THR A 69 0.81 24.20 5.19
C THR A 69 1.97 23.95 4.22
N ALA A 70 2.62 25.02 3.78
CA ALA A 70 3.75 24.93 2.87
C ALA A 70 4.84 25.89 3.30
N SER A 71 6.10 25.48 3.12
CA SER A 71 7.24 26.31 3.49
C SER A 71 7.28 27.56 2.64
N LYS A 72 7.72 28.67 3.24
CA LYS A 72 7.81 29.95 2.53
C LYS A 72 8.63 29.84 1.26
N ASN A 73 9.83 29.28 1.39
CA ASN A 73 10.72 29.15 0.25
C ASN A 73 10.94 27.70 -0.15
N PRO A 74 11.04 27.46 -1.47
CA PRO A 74 11.25 26.10 -1.97
C PRO A 74 12.53 25.50 -1.39
N LYS A 75 12.58 24.18 -1.34
CA LYS A 75 13.73 23.46 -0.81
C LYS A 75 14.40 22.72 -1.96
N ASP A 76 14.94 23.46 -2.92
CA ASP A 76 15.59 22.86 -4.09
C ASP A 76 16.80 21.97 -3.83
N GLN A 77 17.36 22.04 -2.63
CA GLN A 77 18.52 21.22 -2.30
C GLN A 77 18.14 19.74 -2.29
N LEU A 78 16.89 19.44 -2.67
CA LEU A 78 16.38 18.07 -2.71
C LEU A 78 16.12 17.60 -4.13
N ASP A 79 16.06 16.28 -4.29
CA ASP A 79 15.84 15.66 -5.59
C ASP A 79 14.37 15.26 -5.78
N PHE A 80 13.67 15.14 -4.67
CA PHE A 80 12.26 14.74 -4.71
C PHE A 80 11.38 15.78 -4.01
N PHE A 81 10.07 15.52 -4.05
CA PHE A 81 9.08 16.39 -3.42
C PHE A 81 8.89 16.00 -1.95
N PRO A 82 9.14 16.95 -1.03
CA PRO A 82 9.01 16.70 0.42
C PRO A 82 7.60 16.93 0.97
N LEU A 83 6.84 15.84 1.09
CA LEU A 83 5.49 15.90 1.62
C LEU A 83 5.44 15.08 2.90
N THR A 84 4.78 15.60 3.92
CA THR A 84 4.65 14.88 5.18
C THR A 84 3.19 14.86 5.63
N VAL A 85 2.70 13.67 5.93
CA VAL A 85 1.34 13.49 6.38
C VAL A 85 1.34 12.98 7.82
N ASP A 86 0.55 13.63 8.67
CA ASP A 86 0.45 13.23 10.07
C ASP A 86 -1.02 13.09 10.45
N VAL A 87 -1.35 12.01 11.16
CA VAL A 87 -2.72 11.78 11.59
C VAL A 87 -2.72 11.74 13.11
N GLU A 88 -3.39 12.73 13.70
CA GLU A 88 -3.48 12.87 15.15
C GLU A 88 -4.80 12.31 15.69
N GLU A 89 -4.73 11.15 16.35
CA GLU A 89 -5.92 10.55 16.95
C GLU A 89 -6.14 11.17 18.35
N ARG A 90 -7.27 11.82 18.57
CA ARG A 90 -7.53 12.38 19.89
C ARG A 90 -8.51 11.48 20.65
N TYR A 92 -10.22 12.01 23.07
CA TYR A 92 -11.45 12.66 23.50
C TYR A 92 -12.53 12.49 22.42
N ALA A 93 -12.12 12.08 21.22
CA ALA A 93 -13.08 11.87 20.14
C ALA A 93 -13.99 10.69 20.48
N ALA A 94 -13.52 9.81 21.35
CA ALA A 94 -14.29 8.63 21.78
C ALA A 94 -14.80 8.82 23.21
N GLY A 95 -14.57 10.02 23.75
CA GLY A 95 -15.03 10.32 25.10
C GLY A 95 -14.26 9.59 26.18
N LYS A 96 -12.96 9.38 25.94
CA LYS A 96 -12.18 8.70 26.96
C LYS A 96 -10.80 9.29 27.18
N ILE A 97 -10.32 9.16 28.41
CA ILE A 97 -9.02 9.68 28.79
C ILE A 97 -7.97 8.65 28.38
N PRO A 98 -6.89 9.07 27.73
CA PRO A 98 -5.87 8.10 27.32
C PRO A 98 -5.47 7.19 28.47
N GLY A 99 -5.40 5.90 28.20
CA GLY A 99 -5.05 4.93 29.23
C GLY A 99 -3.58 4.83 29.59
N SER A 100 -2.71 5.43 28.78
CA SER A 100 -1.27 5.37 29.05
C SER A 100 -0.93 6.02 30.39
N PHE A 101 0.25 5.67 30.91
CA PHE A 101 0.75 6.18 32.19
C PHE A 101 0.71 7.71 32.24
N PHE A 102 1.05 8.34 31.12
CA PHE A 102 1.06 9.80 31.06
C PHE A 102 -0.29 10.45 30.72
N ARG A 103 -1.32 9.62 30.61
CA ARG A 103 -2.68 10.08 30.33
C ARG A 103 -2.75 11.08 29.17
N ARG A 104 -1.87 10.91 28.20
CA ARG A 104 -1.84 11.76 27.02
C ARG A 104 -1.48 10.83 25.87
N GLU A 105 -2.12 11.02 24.72
CA GLU A 105 -1.81 10.15 23.59
C GLU A 105 -0.42 10.48 23.03
N GLY A 106 0.37 9.45 22.74
CA GLY A 106 1.73 9.65 22.25
C GLY A 106 2.02 9.10 20.86
N ARG A 107 2.98 8.17 20.78
CA ARG A 107 3.36 7.58 19.50
C ARG A 107 2.15 6.98 18.79
N PRO A 108 1.86 7.46 17.57
CA PRO A 108 0.74 7.03 16.72
C PRO A 108 0.46 5.54 16.61
N SER A 109 -0.83 5.21 16.60
CA SER A 109 -1.28 3.84 16.48
C SER A 109 -1.05 3.30 15.07
N GLU A 110 -1.29 2.01 14.89
CA GLU A 110 -1.11 1.40 13.58
C GLU A 110 -2.10 2.05 12.61
N ASP A 111 -3.32 2.26 13.07
CA ASP A 111 -4.36 2.87 12.24
C ASP A 111 -3.94 4.25 11.75
N ALA A 112 -3.33 5.03 12.63
CA ALA A 112 -2.90 6.37 12.26
C ALA A 112 -1.84 6.33 11.17
N ILE A 113 -0.83 5.49 11.36
CA ILE A 113 0.24 5.35 10.38
C ILE A 113 -0.31 4.84 9.06
N LEU A 114 -1.19 3.84 9.10
CA LEU A 114 -1.78 3.32 7.87
C LEU A 114 -2.61 4.40 7.16
N THR A 115 -3.31 5.22 7.94
CA THR A 115 -4.12 6.30 7.37
C THR A 115 -3.21 7.35 6.73
N CYS A 116 -2.03 7.56 7.30
CA CYS A 116 -1.08 8.52 6.74
C CYS A 116 -0.73 8.06 5.32
N ARG A 117 -0.45 6.77 5.19
CA ARG A 117 -0.09 6.20 3.91
C ARG A 117 -1.26 6.22 2.91
N LEU A 118 -2.47 5.99 3.40
CA LEU A 118 -3.63 6.01 2.52
C LEU A 118 -3.77 7.40 1.94
N ILE A 119 -3.34 8.40 2.70
CA ILE A 119 -3.41 9.78 2.26
C ILE A 119 -2.23 10.14 1.37
N ASP A 120 -1.02 9.78 1.81
CA ASP A 120 0.19 10.08 1.07
C ASP A 120 0.27 9.41 -0.31
N ARG A 121 -0.16 8.16 -0.42
CA ARG A 121 -0.08 7.47 -1.71
C ARG A 121 -0.70 8.21 -2.89
N PRO A 122 -1.97 8.63 -2.77
CA PRO A 122 -2.55 9.34 -3.91
C PRO A 122 -2.20 10.82 -3.97
N LEU A 123 -1.90 11.42 -2.82
CA LEU A 123 -1.61 12.84 -2.75
C LEU A 123 -0.23 13.23 -3.32
N ARG A 124 0.82 12.51 -2.91
CA ARG A 124 2.16 12.80 -3.36
C ARG A 124 2.27 12.94 -4.89
N PRO A 125 1.84 11.93 -5.65
CA PRO A 125 1.89 11.99 -7.12
C PRO A 125 1.08 13.14 -7.71
N SER A 126 0.01 13.52 -7.02
CA SER A 126 -0.87 14.59 -7.49
C SER A 126 -0.21 15.94 -7.66
N PHE A 127 0.88 16.18 -6.94
CA PHE A 127 1.57 17.46 -7.02
C PHE A 127 2.35 17.60 -8.30
N LYS A 128 2.26 18.78 -8.89
CA LYS A 128 2.95 19.06 -10.14
C LYS A 128 4.43 18.78 -10.00
N LYS A 129 4.97 18.02 -10.94
CA LYS A 129 6.38 17.66 -10.96
C LYS A 129 7.22 18.93 -10.96
N GLY A 130 8.23 18.97 -10.09
CA GLY A 130 9.08 20.15 -10.02
C GLY A 130 8.89 20.93 -8.74
N LEU A 131 7.73 20.77 -8.11
CA LEU A 131 7.46 21.49 -6.86
C LEU A 131 8.55 21.15 -5.86
N ARG A 132 9.03 22.15 -5.14
CA ARG A 132 10.10 21.93 -4.18
C ARG A 132 9.79 22.48 -2.78
N ASN A 133 8.65 23.15 -2.61
CA ASN A 133 8.31 23.65 -1.29
C ASN A 133 7.98 22.45 -0.41
N GLU A 134 8.30 22.55 0.87
CA GLU A 134 7.99 21.47 1.78
C GLU A 134 6.50 21.58 2.11
N ILE A 135 5.76 20.48 1.95
CA ILE A 135 4.33 20.48 2.22
C ILE A 135 3.99 19.54 3.37
N GLN A 136 3.14 20.00 4.28
CA GLN A 136 2.73 19.16 5.39
C GLN A 136 1.21 19.17 5.55
N VAL A 137 0.66 17.99 5.82
CA VAL A 137 -0.77 17.82 6.02
C VAL A 137 -0.99 17.17 7.39
N VAL A 138 -1.80 17.80 8.22
CA VAL A 138 -2.09 17.27 9.55
C VAL A 138 -3.59 17.07 9.72
N ALA A 139 -4.00 15.83 9.90
CA ALA A 139 -5.41 15.49 10.09
C ALA A 139 -5.60 15.08 11.54
N THR A 140 -6.55 15.72 12.21
CA THR A 140 -6.85 15.41 13.61
C THR A 140 -8.25 14.80 13.72
N ILE A 141 -8.35 13.64 14.37
CA ILE A 141 -9.64 12.98 14.53
C ILE A 141 -10.21 13.55 15.82
N ALA A 143 -13.89 13.87 16.60
CA ALA A 143 -15.12 13.28 17.09
C ALA A 143 -15.30 11.99 16.31
N LEU A 144 -15.61 10.90 17.02
CA LEU A 144 -15.77 9.63 16.34
C LEU A 144 -16.92 8.76 16.84
N ASN A 145 -17.88 8.52 15.97
CA ASN A 145 -19.01 7.66 16.32
C ASN A 145 -18.36 6.27 16.35
N PRO A 146 -18.46 5.56 17.47
CA PRO A 146 -17.85 4.24 17.56
C PRO A 146 -18.20 3.24 16.45
N ASP A 147 -19.24 3.53 15.69
CA ASP A 147 -19.65 2.62 14.63
C ASP A 147 -19.08 3.02 13.25
N HIS A 148 -18.35 4.14 13.22
CA HIS A 148 -17.75 4.70 12.01
C HIS A 148 -16.24 4.42 11.89
N LEU A 149 -15.76 4.38 10.65
CA LEU A 149 -14.33 4.17 10.35
C LEU A 149 -13.84 5.55 9.89
N TYR A 150 -12.87 6.13 10.59
CA TYR A 150 -12.40 7.46 10.20
C TYR A 150 -11.39 7.56 9.05
N ASP A 151 -10.67 6.50 8.74
CA ASP A 151 -9.67 6.61 7.69
C ASP A 151 -10.14 7.25 6.39
N VAL A 152 -11.17 6.70 5.75
CA VAL A 152 -11.63 7.29 4.48
C VAL A 152 -12.21 8.70 4.62
N VAL A 153 -12.54 9.12 5.84
CA VAL A 153 -13.05 10.48 6.05
C VAL A 153 -11.82 11.41 6.04
N ALA A 154 -10.73 10.96 6.66
CA ALA A 154 -9.50 11.74 6.71
C ALA A 154 -8.92 11.96 5.31
N ILE A 155 -9.06 10.96 4.44
CA ILE A 155 -8.53 11.09 3.08
C ILE A 155 -9.14 12.29 2.38
N ASN A 156 -10.46 12.41 2.44
CA ASN A 156 -11.16 13.51 1.80
C ASN A 156 -10.82 14.85 2.47
N ALA A 157 -10.70 14.85 3.80
CA ALA A 157 -10.35 16.07 4.52
C ALA A 157 -8.95 16.54 4.11
N ALA A 158 -8.02 15.60 3.97
CA ALA A 158 -6.66 15.93 3.58
C ALA A 158 -6.66 16.53 2.17
N SER A 159 -7.45 15.94 1.28
CA SER A 159 -7.54 16.44 -0.08
C SER A 159 -8.10 17.86 -0.07
N ALA A 160 -9.24 18.04 0.60
CA ALA A 160 -9.88 19.35 0.69
C ALA A 160 -8.97 20.46 1.19
N SER A 161 -8.34 20.27 2.36
CA SER A 161 -7.46 21.31 2.89
C SER A 161 -6.35 21.65 1.90
N THR A 162 -5.84 20.64 1.20
CA THR A 162 -4.76 20.83 0.23
C THR A 162 -5.25 21.60 -1.00
N GLN A 163 -6.46 21.28 -1.45
CA GLN A 163 -7.07 21.95 -2.58
C GLN A 163 -7.21 23.44 -2.24
N LEU A 164 -7.65 23.73 -1.04
CA LEU A 164 -7.84 25.10 -0.60
C LEU A 164 -6.54 25.86 -0.36
N ALA A 165 -5.43 25.15 -0.23
CA ALA A 165 -4.15 25.80 0.03
C ALA A 165 -3.56 26.49 -1.21
N GLY A 166 -4.23 26.33 -2.34
CA GLY A 166 -3.74 26.93 -3.57
C GLY A 166 -2.45 26.30 -4.02
N LEU A 167 -2.31 25.00 -3.80
CA LEU A 167 -1.10 24.28 -4.20
C LEU A 167 -1.28 23.63 -5.56
N PRO A 168 -0.22 23.62 -6.38
CA PRO A 168 -0.30 23.00 -7.71
C PRO A 168 -0.45 21.49 -7.66
N PHE A 169 -1.67 21.00 -7.51
CA PHE A 169 -1.88 19.57 -7.50
C PHE A 169 -3.21 19.22 -8.15
N SER A 170 -3.26 18.04 -8.77
CA SER A 170 -4.44 17.58 -9.48
C SER A 170 -5.64 17.22 -8.59
N GLY A 171 -6.06 18.15 -7.74
CA GLY A 171 -7.18 17.87 -6.87
C GLY A 171 -8.49 18.13 -7.61
N PRO A 172 -9.63 17.77 -7.01
CA PRO A 172 -9.69 17.14 -5.69
C PRO A 172 -9.56 15.63 -5.82
N ILE A 173 -9.16 14.98 -4.73
CA ILE A 173 -9.02 13.53 -4.70
C ILE A 173 -10.12 13.00 -3.80
N GLY A 174 -10.92 12.10 -4.34
CA GLY A 174 -12.01 11.52 -3.58
C GLY A 174 -11.65 10.17 -3.03
N GLY A 175 -11.86 9.98 -1.73
CA GLY A 175 -11.56 8.72 -1.09
C GLY A 175 -12.81 8.06 -0.55
N VAL A 176 -12.96 6.76 -0.82
CA VAL A 176 -14.13 6.03 -0.36
C VAL A 176 -13.78 4.59 0.00
N ARG A 177 -14.63 3.95 0.79
CA ARG A 177 -14.46 2.54 1.11
C ARG A 177 -15.73 1.86 0.61
N VAL A 178 -15.59 0.77 -0.15
CA VAL A 178 -16.76 0.02 -0.61
C VAL A 178 -16.53 -1.40 -0.13
N ALA A 179 -17.53 -1.97 0.52
CA ALA A 179 -17.41 -3.34 1.01
C ALA A 179 -18.55 -4.15 0.41
N LEU A 180 -18.25 -5.38 -0.01
CA LEU A 180 -19.26 -6.22 -0.62
C LEU A 180 -20.08 -6.90 0.46
N ILE A 181 -21.21 -6.27 0.77
CA ILE A 181 -22.12 -6.74 1.80
C ILE A 181 -23.44 -7.24 1.19
N ARG A 182 -23.70 -8.53 1.35
CA ARG A 182 -24.90 -9.15 0.81
C ARG A 182 -25.13 -8.84 -0.66
N GLY A 183 -24.07 -9.01 -1.45
CA GLY A 183 -24.17 -8.77 -2.88
C GLY A 183 -24.10 -7.32 -3.31
N GLN A 184 -24.06 -6.40 -2.34
CA GLN A 184 -24.00 -4.98 -2.68
C GLN A 184 -22.70 -4.30 -2.22
N TRP A 185 -22.20 -3.36 -3.02
CA TRP A 185 -21.00 -2.62 -2.64
C TRP A 185 -21.48 -1.38 -1.90
N VAL A 186 -21.39 -1.42 -0.57
CA VAL A 186 -21.82 -0.33 0.29
C VAL A 186 -20.70 0.69 0.52
N ALA A 187 -21.01 1.97 0.28
CA ALA A 187 -20.03 3.04 0.44
C ALA A 187 -19.99 3.52 1.90
N PHE A 188 -18.79 3.79 2.40
CA PHE A 188 -18.59 4.24 3.78
C PHE A 188 -19.33 3.32 4.74
N PRO A 189 -19.08 2.00 4.67
CA PRO A 189 -19.77 1.06 5.56
C PRO A 189 -19.41 1.31 7.02
N THR A 190 -20.27 0.84 7.91
CA THR A 190 -20.07 1.00 9.34
C THR A 190 -19.55 -0.34 9.84
N HIS A 191 -19.06 -0.36 11.08
CA HIS A 191 -18.57 -1.62 11.63
C HIS A 191 -19.72 -2.64 11.67
N THR A 192 -20.92 -2.18 11.97
CA THR A 192 -22.10 -3.04 12.04
C THR A 192 -22.34 -3.73 10.69
N GLU A 193 -22.20 -2.97 9.61
CA GLU A 193 -22.41 -3.51 8.27
C GLU A 193 -21.25 -4.40 7.83
N LEU A 194 -20.03 -4.06 8.24
CA LEU A 194 -18.87 -4.85 7.85
C LEU A 194 -18.91 -6.27 8.41
N GLU A 195 -19.84 -6.54 9.31
CA GLU A 195 -19.97 -7.87 9.87
C GLU A 195 -20.45 -8.84 8.80
N ASP A 196 -20.96 -8.29 7.70
CA ASP A 196 -21.46 -9.10 6.59
C ASP A 196 -20.67 -8.90 5.31
N ALA A 197 -19.49 -8.30 5.40
CA ALA A 197 -18.67 -8.05 4.22
C ALA A 197 -17.74 -9.21 3.85
N VAL A 198 -17.66 -9.49 2.55
CA VAL A 198 -16.79 -10.56 2.06
C VAL A 198 -15.52 -9.92 1.53
N PHE A 199 -15.57 -8.60 1.28
CA PHE A 199 -14.42 -7.87 0.78
C PHE A 199 -14.54 -6.41 1.22
N ASP A 200 -13.43 -5.84 1.69
CA ASP A 200 -13.36 -4.46 2.18
C ASP A 200 -12.31 -3.76 1.33
N VAL A 202 -10.65 0.06 -0.02
CA VAL A 202 -10.52 1.51 0.01
C VAL A 202 -10.01 1.95 -1.36
N VAL A 203 -10.67 2.95 -1.95
CA VAL A 203 -10.31 3.45 -3.26
C VAL A 203 -10.27 4.97 -3.28
N ALA A 204 -9.31 5.53 -3.99
CA ALA A 204 -9.19 6.99 -4.10
C ALA A 204 -8.97 7.31 -5.57
N GLY A 205 -9.59 8.38 -6.05
CA GLY A 205 -9.42 8.76 -7.44
C GLY A 205 -9.76 10.21 -7.69
N ARG A 206 -9.64 10.64 -8.94
CA ARG A 206 -9.94 12.02 -9.29
C ARG A 206 -10.88 12.00 -10.48
N VAL A 207 -11.47 13.16 -10.79
CA VAL A 207 -12.38 13.25 -11.91
C VAL A 207 -11.63 13.90 -13.08
N LEU A 208 -11.64 13.22 -14.23
CA LEU A 208 -10.98 13.74 -15.42
C LEU A 208 -11.81 14.85 -16.06
N GLU A 209 -11.21 15.62 -16.96
CA GLU A 209 -11.96 16.69 -17.60
C GLU A 209 -13.19 16.18 -18.34
N ASP A 210 -13.09 14.99 -18.93
CA ASP A 210 -14.22 14.43 -19.64
C ASP A 210 -15.31 13.94 -18.70
N GLY A 211 -15.08 14.07 -17.40
CA GLY A 211 -16.09 13.64 -16.44
C GLY A 211 -15.88 12.25 -15.87
N ASP A 212 -15.04 11.44 -16.51
CA ASP A 212 -14.77 10.09 -16.02
C ASP A 212 -13.89 10.14 -14.78
N VAL A 213 -14.00 9.09 -13.97
CA VAL A 213 -13.21 8.99 -12.75
C VAL A 213 -11.96 8.17 -13.00
N ALA A 214 -10.82 8.70 -12.59
CA ALA A 214 -9.57 7.98 -12.74
C ALA A 214 -9.15 7.46 -11.36
N ILE A 215 -9.13 6.15 -11.21
CA ILE A 215 -8.72 5.53 -9.95
C ILE A 215 -7.21 5.66 -9.79
N VAL A 218 -5.62 1.89 -4.50
CA VAL A 218 -6.49 0.85 -3.97
C VAL A 218 -5.78 0.12 -2.83
N GLU A 219 -6.54 -0.15 -1.76
CA GLU A 219 -6.05 -0.86 -0.58
C GLU A 219 -7.24 -1.71 -0.18
N ALA A 220 -7.18 -3.00 -0.48
CA ALA A 220 -8.30 -3.90 -0.19
C ALA A 220 -7.87 -5.19 0.47
N GLU A 221 -8.85 -5.93 0.96
CA GLU A 221 -8.62 -7.19 1.66
C GLU A 221 -9.92 -7.97 1.81
N ALA A 222 -9.79 -9.27 2.03
CA ALA A 222 -10.95 -10.12 2.28
C ALA A 222 -11.10 -9.97 3.79
N THR A 223 -12.11 -10.55 4.39
CA THR A 223 -12.29 -10.36 5.82
C THR A 223 -12.30 -11.66 6.61
N GLU A 224 -12.42 -11.55 7.93
CA GLU A 224 -12.45 -12.75 8.76
C GLU A 224 -13.79 -13.47 8.58
N LYS A 225 -14.71 -12.82 7.89
CA LYS A 225 -16.02 -13.39 7.64
C LYS A 225 -16.16 -14.02 6.25
N THR A 226 -15.29 -13.65 5.32
CA THR A 226 -15.35 -14.16 3.95
C THR A 226 -15.65 -15.65 3.76
N ILE A 227 -14.84 -16.53 4.32
CA ILE A 227 -15.06 -17.95 4.12
C ILE A 227 -16.40 -18.45 4.64
N GLN A 228 -16.81 -18.01 5.83
CA GLN A 228 -18.10 -18.44 6.36
C GLN A 228 -19.26 -17.92 5.52
N LEU A 229 -19.19 -16.64 5.15
CA LEU A 229 -20.24 -16.03 4.33
C LEU A 229 -20.39 -16.75 3.00
N VAL A 230 -19.27 -17.02 2.34
CA VAL A 230 -19.29 -17.72 1.05
C VAL A 230 -19.90 -19.12 1.21
N LYS A 231 -19.53 -19.80 2.29
CA LYS A 231 -20.05 -21.12 2.57
C LYS A 231 -21.57 -21.05 2.70
N ASP A 232 -22.05 -19.98 3.34
CA ASP A 232 -23.48 -19.79 3.54
C ASP A 232 -24.19 -19.12 2.37
N GLY A 233 -23.54 -19.01 1.22
CA GLY A 233 -24.21 -18.41 0.08
C GLY A 233 -23.59 -17.24 -0.64
N ALA A 234 -22.81 -16.41 0.05
CA ALA A 234 -22.20 -15.25 -0.58
C ALA A 234 -21.20 -15.63 -1.69
N GLU A 235 -20.98 -14.70 -2.60
CA GLU A 235 -20.07 -14.91 -3.72
C GLU A 235 -18.63 -14.56 -3.32
N ALA A 236 -17.72 -15.51 -3.54
CA ALA A 236 -16.31 -15.33 -3.21
C ALA A 236 -15.69 -14.20 -4.01
N PRO A 237 -14.81 -13.40 -3.38
CA PRO A 237 -14.16 -12.28 -4.07
C PRO A 237 -13.01 -12.66 -5.01
N THR A 238 -13.35 -12.88 -6.26
CA THR A 238 -12.36 -13.23 -7.28
C THR A 238 -11.99 -11.97 -8.05
N GLU A 239 -11.07 -12.11 -9.00
CA GLU A 239 -10.64 -10.99 -9.81
C GLU A 239 -11.82 -10.25 -10.42
N GLU A 240 -12.81 -11.00 -10.88
CA GLU A 240 -14.02 -10.42 -11.50
C GLU A 240 -14.78 -9.54 -10.50
N VAL A 241 -15.04 -10.09 -9.32
CA VAL A 241 -15.75 -9.38 -8.27
C VAL A 241 -14.98 -8.12 -7.86
N VAL A 242 -13.68 -8.27 -7.65
CA VAL A 242 -12.87 -7.15 -7.25
C VAL A 242 -12.97 -6.02 -8.27
N ALA A 243 -12.88 -6.36 -9.56
CA ALA A 243 -12.97 -5.36 -10.61
C ALA A 243 -14.34 -4.68 -10.60
N ALA A 244 -15.37 -5.45 -10.25
CA ALA A 244 -16.72 -4.90 -10.18
C ALA A 244 -16.77 -3.88 -9.06
N GLY A 245 -16.10 -4.19 -7.94
CA GLY A 245 -16.06 -3.29 -6.81
C GLY A 245 -15.43 -1.96 -7.20
N LEU A 246 -14.37 -2.01 -8.01
CA LEU A 246 -13.71 -0.80 -8.46
C LEU A 246 -14.67 0.08 -9.25
N ASP A 247 -15.51 -0.54 -10.08
CA ASP A 247 -16.46 0.23 -10.85
C ASP A 247 -17.52 0.83 -9.94
N ALA A 248 -17.94 0.08 -8.93
CA ALA A 248 -18.95 0.58 -8.02
C ALA A 248 -18.45 1.73 -7.18
N ALA A 249 -17.13 1.88 -7.09
CA ALA A 249 -16.51 2.94 -6.30
C ALA A 249 -16.50 4.29 -6.99
N LYS A 250 -16.40 4.27 -8.32
CA LYS A 250 -16.32 5.50 -9.11
C LYS A 250 -17.42 6.54 -8.91
N PRO A 251 -18.70 6.12 -8.93
CA PRO A 251 -19.79 7.08 -8.72
C PRO A 251 -19.64 7.86 -7.41
N PHE A 252 -19.29 7.17 -6.33
CA PHE A 252 -19.11 7.81 -5.03
C PHE A 252 -17.92 8.75 -5.06
N ILE A 253 -16.83 8.31 -5.67
CA ILE A 253 -15.65 9.15 -5.77
C ILE A 253 -16.03 10.43 -6.49
N LYS A 254 -16.78 10.32 -7.58
CA LYS A 254 -17.20 11.50 -8.33
C LYS A 254 -17.98 12.49 -7.44
N VAL A 255 -18.92 11.97 -6.66
CA VAL A 255 -19.71 12.82 -5.77
C VAL A 255 -18.81 13.54 -4.74
N LEU A 256 -17.84 12.82 -4.20
CA LEU A 256 -16.92 13.42 -3.23
C LEU A 256 -16.06 14.52 -3.85
N CYS A 257 -15.57 14.28 -5.07
CA CYS A 257 -14.74 15.28 -5.76
C CYS A 257 -15.58 16.50 -6.10
N LYS A 258 -16.81 16.26 -6.54
CA LYS A 258 -17.70 17.35 -6.88
C LYS A 258 -17.97 18.23 -5.66
N ALA A 259 -18.20 17.58 -4.51
CA ALA A 259 -18.45 18.31 -3.28
C ALA A 259 -17.25 19.19 -2.90
N GLN A 260 -16.04 18.65 -3.07
CA GLN A 260 -14.85 19.42 -2.75
C GLN A 260 -14.67 20.58 -3.72
N ALA A 261 -14.89 20.31 -5.00
CA ALA A 261 -14.76 21.35 -6.01
C ALA A 261 -15.74 22.48 -5.69
N ASP A 262 -16.93 22.09 -5.23
CA ASP A 262 -17.93 23.09 -4.89
C ASP A 262 -17.46 23.93 -3.70
N LEU A 263 -16.83 23.27 -2.73
CA LEU A 263 -16.31 23.94 -1.55
C LEU A 263 -15.22 24.93 -1.95
N ALA A 264 -14.27 24.46 -2.76
CA ALA A 264 -13.17 25.31 -3.19
C ALA A 264 -13.68 26.50 -3.99
N ALA A 265 -14.72 26.28 -4.80
CA ALA A 265 -15.29 27.35 -5.60
C ALA A 265 -15.91 28.42 -4.69
N LYS A 266 -16.61 27.98 -3.66
CA LYS A 266 -17.24 28.91 -2.73
C LYS A 266 -16.20 29.69 -1.93
N ALA A 267 -15.15 29.01 -1.50
CA ALA A 267 -14.10 29.64 -0.70
C ALA A 267 -13.32 30.66 -1.52
N ALA A 268 -13.10 30.32 -2.78
CA ALA A 268 -12.36 31.18 -3.70
C ALA A 268 -11.01 31.68 -3.14
N LYS A 269 -10.29 30.80 -2.46
CA LYS A 269 -8.99 31.18 -1.92
C LYS A 269 -8.06 31.48 -3.11
N PRO A 270 -6.98 32.25 -2.87
CA PRO A 270 -6.03 32.60 -3.93
C PRO A 270 -5.04 31.49 -4.23
N THR A 271 -4.55 31.46 -5.47
CA THR A 271 -3.57 30.46 -5.91
C THR A 271 -2.18 31.08 -5.80
N GLY A 272 -1.49 30.78 -4.69
CA GLY A 272 -0.16 31.32 -4.47
C GLY A 272 0.84 31.10 -5.59
N GLU A 273 1.98 31.74 -5.44
CA GLU A 273 3.04 31.64 -6.43
C GLU A 273 4.00 30.54 -5.98
N PHE A 274 3.83 29.35 -6.53
CA PHE A 274 4.69 28.23 -6.19
C PHE A 274 5.54 27.84 -7.40
N PRO A 275 6.85 28.07 -7.32
CA PRO A 275 7.76 27.75 -8.41
C PRO A 275 7.87 26.24 -8.68
N VAL A 276 8.06 25.89 -9.94
CA VAL A 276 8.22 24.50 -10.36
C VAL A 276 9.58 24.41 -11.04
N PHE A 277 10.38 23.42 -10.66
CA PHE A 277 11.73 23.27 -11.22
C PHE A 277 11.86 22.12 -12.21
N LEU A 278 12.77 22.30 -13.17
CA LEU A 278 13.03 21.28 -14.18
C LEU A 278 14.20 20.43 -13.73
N ASP A 279 14.14 19.13 -13.99
CA ASP A 279 15.22 18.23 -13.61
C ASP A 279 16.40 18.49 -14.53
N TYR A 280 16.09 18.89 -15.76
CA TYR A 280 17.09 19.17 -16.77
C TYR A 280 16.48 19.98 -17.90
N GLN A 281 17.28 20.87 -18.50
CA GLN A 281 16.82 21.67 -19.63
C GLN A 281 16.94 20.74 -20.84
N ASP A 282 16.26 21.05 -21.94
CA ASP A 282 16.32 20.18 -23.10
C ASP A 282 17.68 20.01 -23.76
N ASP A 283 18.51 21.05 -23.78
CA ASP A 283 19.81 20.96 -24.41
C ASP A 283 20.61 19.77 -23.88
N VAL A 284 20.67 19.60 -22.57
CA VAL A 284 21.42 18.49 -22.00
C VAL A 284 20.88 17.11 -22.41
N LEU A 285 19.56 16.96 -22.52
CA LEU A 285 19.03 15.66 -22.92
C LEU A 285 19.32 15.34 -24.38
N GLU A 286 19.31 16.36 -25.22
CA GLU A 286 19.58 16.18 -26.64
C GLU A 286 21.07 15.90 -26.84
N ALA A 287 21.90 16.58 -26.07
CA ALA A 287 23.34 16.40 -26.14
C ALA A 287 23.68 14.96 -25.75
N LEU A 288 23.32 14.60 -24.52
CA LEU A 288 23.59 13.27 -24.00
C LEU A 288 23.09 12.16 -24.91
N SER A 289 21.88 12.31 -25.44
CA SER A 289 21.31 11.30 -26.33
C SER A 289 22.21 11.11 -27.53
N ALA A 290 22.48 12.20 -28.24
CA ALA A 290 23.33 12.17 -29.41
C ALA A 290 24.71 11.59 -29.09
N ALA A 291 25.16 11.81 -27.85
CA ALA A 291 26.47 11.32 -27.42
C ALA A 291 26.55 9.84 -27.07
N VAL A 292 25.50 9.27 -26.48
CA VAL A 292 25.55 7.85 -26.09
C VAL A 292 24.28 7.02 -26.29
N ARG A 293 23.32 7.55 -27.03
CA ARG A 293 22.06 6.83 -27.24
C ARG A 293 22.21 5.39 -27.75
N PRO A 294 23.08 5.17 -28.76
CA PRO A 294 23.24 3.81 -29.28
C PRO A 294 24.01 2.87 -28.33
N GLU A 295 25.00 3.43 -27.63
CA GLU A 295 25.79 2.66 -26.68
C GLU A 295 24.93 2.24 -25.50
N LEU A 296 24.26 3.23 -24.90
CA LEU A 296 23.38 3.00 -23.77
C LEU A 296 22.30 1.99 -24.14
N SER A 297 21.75 2.15 -25.35
CA SER A 297 20.72 1.25 -25.83
C SER A 297 21.26 -0.18 -25.90
N ALA A 298 22.53 -0.32 -26.27
CA ALA A 298 23.18 -1.62 -26.38
C ALA A 298 23.47 -2.19 -25.00
N ALA A 299 23.99 -1.34 -24.12
CA ALA A 299 24.32 -1.74 -22.76
C ALA A 299 23.10 -2.33 -22.04
N LEU A 300 21.94 -1.70 -22.22
CA LEU A 300 20.72 -2.17 -21.56
C LEU A 300 20.22 -3.51 -22.10
N THR A 301 20.96 -4.09 -23.03
CA THR A 301 20.57 -5.38 -23.60
C THR A 301 21.23 -6.52 -22.85
N ILE A 302 22.16 -6.17 -21.96
CA ILE A 302 22.89 -7.16 -21.16
C ILE A 302 22.06 -7.60 -19.96
N ALA A 303 21.58 -8.84 -20.00
CA ALA A 303 20.76 -9.40 -18.93
C ALA A 303 21.47 -9.49 -17.58
N GLY A 304 22.73 -9.94 -17.59
CA GLY A 304 23.48 -10.07 -16.35
C GLY A 304 23.58 -8.74 -15.61
N LYS A 305 23.19 -8.73 -14.33
CA LYS A 305 23.23 -7.50 -13.55
C LYS A 305 24.61 -6.87 -13.43
N GLN A 306 25.54 -7.59 -12.81
CA GLN A 306 26.89 -7.09 -12.63
C GLN A 306 27.65 -6.92 -13.94
N ASP A 307 27.25 -7.69 -14.95
CA ASP A 307 27.89 -7.64 -16.26
C ASP A 307 27.39 -6.44 -17.08
N ARG A 308 26.13 -6.08 -16.89
CA ARG A 308 25.52 -4.95 -17.60
C ARG A 308 25.86 -3.64 -16.89
N GLU A 309 26.03 -3.71 -15.58
CA GLU A 309 26.36 -2.53 -14.80
C GLU A 309 27.78 -2.09 -15.13
N ALA A 310 28.51 -2.97 -15.80
CA ALA A 310 29.88 -2.67 -16.22
C ALA A 310 29.79 -1.64 -17.33
N GLU A 311 29.09 -2.02 -18.40
CA GLU A 311 28.88 -1.14 -19.55
C GLU A 311 28.31 0.20 -19.12
N LEU A 312 27.24 0.15 -18.34
CA LEU A 312 26.59 1.36 -17.86
C LEU A 312 27.57 2.33 -17.20
N ASP A 313 28.40 1.82 -16.28
CA ASP A 313 29.37 2.67 -15.61
C ASP A 313 30.39 3.21 -16.61
N ARG A 314 30.51 2.53 -17.74
CA ARG A 314 31.43 2.94 -18.79
C ARG A 314 30.78 4.00 -19.68
N VAL A 315 29.62 3.68 -20.25
CA VAL A 315 28.93 4.64 -21.09
C VAL A 315 28.72 5.94 -20.32
N LYS A 316 28.72 5.84 -18.99
CA LYS A 316 28.55 7.01 -18.13
C LYS A 316 29.76 7.92 -18.30
N ALA A 317 30.87 7.34 -18.75
CA ALA A 317 32.11 8.08 -18.98
C ALA A 317 32.09 8.62 -20.40
N LEU A 318 31.91 7.74 -21.36
CA LEU A 318 31.88 8.13 -22.78
C LEU A 318 30.99 9.37 -22.92
N ALA A 319 29.94 9.42 -22.09
CA ALA A 319 29.01 10.55 -22.11
C ALA A 319 29.57 11.69 -21.28
N ALA A 320 29.82 11.43 -20.00
CA ALA A 320 30.35 12.45 -19.10
C ALA A 320 31.62 13.08 -19.67
N GLU A 321 32.13 12.47 -20.75
CA GLU A 321 33.33 12.95 -21.42
C GLU A 321 32.92 13.94 -22.51
N LYS A 322 32.18 13.45 -23.50
CA LYS A 322 31.72 14.27 -24.61
C LYS A 322 31.00 15.54 -24.14
N LEU A 323 30.12 15.39 -23.16
CA LEU A 323 29.37 16.54 -22.63
C LEU A 323 30.18 17.40 -21.67
N LEU A 324 31.47 17.12 -21.59
CA LEU A 324 32.36 17.90 -20.72
C LEU A 324 33.61 18.38 -21.46
N PRO A 325 34.08 19.59 -21.14
CA PRO A 325 33.53 20.51 -20.14
C PRO A 325 32.43 21.44 -20.70
N GLU A 326 31.84 21.03 -21.83
CA GLU A 326 30.79 21.82 -22.46
C GLU A 326 29.69 22.20 -21.47
N PHE A 327 29.44 21.31 -20.51
CA PHE A 327 28.41 21.52 -19.49
C PHE A 327 29.03 21.54 -18.09
N GLU A 328 29.54 22.70 -17.69
CA GLU A 328 30.16 22.83 -16.37
C GLU A 328 29.13 23.21 -15.33
N GLY A 329 28.97 22.37 -14.31
CA GLY A 329 28.00 22.65 -13.26
C GLY A 329 26.60 22.22 -13.65
N ARG A 330 26.51 21.36 -14.66
CA ARG A 330 25.23 20.85 -15.13
C ARG A 330 25.13 19.34 -14.85
N GLU A 331 25.85 18.88 -13.82
CA GLU A 331 25.85 17.46 -13.46
C GLU A 331 24.47 16.98 -13.03
N LYS A 332 23.87 17.69 -12.10
CA LYS A 332 22.54 17.33 -11.60
C LYS A 332 21.57 17.17 -12.78
N GLU A 333 21.87 17.85 -13.88
CA GLU A 333 21.02 17.77 -15.07
C GLU A 333 21.38 16.56 -15.93
N ILE A 334 22.68 16.31 -16.12
CA ILE A 334 23.09 15.17 -16.94
C ILE A 334 22.64 13.85 -16.31
N SER A 335 22.66 13.80 -14.98
CA SER A 335 22.24 12.59 -14.27
C SER A 335 20.75 12.38 -14.44
N ALA A 336 19.97 13.43 -14.14
CA ALA A 336 18.52 13.34 -14.28
C ALA A 336 18.16 12.91 -15.69
N ALA A 337 18.82 13.52 -16.68
CA ALA A 337 18.57 13.20 -18.08
C ALA A 337 19.00 11.77 -18.38
N TYR A 338 20.10 11.35 -17.78
CA TYR A 338 20.61 9.99 -17.97
C TYR A 338 19.59 8.94 -17.51
N ARG A 339 18.84 9.26 -16.46
CA ARG A 339 17.83 8.34 -15.96
C ARG A 339 16.60 8.40 -16.85
N ALA A 340 16.16 9.62 -17.17
CA ALA A 340 15.01 9.81 -18.03
C ALA A 340 15.22 9.03 -19.32
N LEU A 341 16.44 9.05 -19.82
CA LEU A 341 16.80 8.36 -21.06
C LEU A 341 16.78 6.85 -20.88
N THR A 342 17.38 6.37 -19.80
CA THR A 342 17.41 4.95 -19.50
C THR A 342 15.98 4.43 -19.43
N LYS A 343 15.15 5.15 -18.67
CA LYS A 343 13.74 4.81 -18.49
C LYS A 343 13.03 4.63 -19.83
N SER A 344 13.22 5.59 -20.74
CA SER A 344 12.58 5.51 -22.05
C SER A 344 13.05 4.29 -22.84
N LEU A 345 14.36 4.10 -22.91
CA LEU A 345 14.95 2.97 -23.63
C LEU A 345 14.46 1.63 -23.10
N VAL A 346 14.44 1.49 -21.77
CA VAL A 346 13.99 0.26 -21.13
C VAL A 346 12.51 -0.02 -21.42
N ARG A 347 11.66 0.98 -21.18
CA ARG A 347 10.23 0.83 -21.44
C ARG A 347 10.07 0.45 -22.90
N GLU A 348 10.73 1.23 -23.74
CA GLU A 348 10.72 1.05 -25.18
C GLU A 348 11.03 -0.40 -25.56
N ARG A 349 12.08 -0.97 -24.96
CA ARG A 349 12.47 -2.33 -25.25
C ARG A 349 11.46 -3.38 -24.79
N VAL A 350 10.75 -3.10 -23.70
CA VAL A 350 9.76 -4.04 -23.19
C VAL A 350 8.59 -4.14 -24.17
N ILE A 351 8.19 -3.01 -24.72
CA ILE A 351 7.07 -2.99 -25.66
C ILE A 351 7.48 -3.58 -27.01
N ALA A 352 8.56 -3.07 -27.59
CA ALA A 352 9.04 -3.55 -28.89
C ALA A 352 9.52 -5.00 -28.83
N GLU A 353 10.64 -5.23 -28.17
CA GLU A 353 11.22 -6.57 -28.06
C GLU A 353 10.52 -7.48 -27.07
N LYS A 354 9.75 -6.89 -26.14
CA LYS A 354 9.05 -7.66 -25.12
C LYS A 354 10.00 -8.34 -24.14
N LYS A 355 11.14 -7.71 -23.91
CA LYS A 355 12.14 -8.23 -22.98
C LYS A 355 12.43 -7.21 -21.89
N ARG A 356 12.64 -7.71 -20.67
CA ARG A 356 12.90 -6.85 -19.54
C ARG A 356 14.39 -6.67 -19.28
N ILE A 357 14.72 -5.68 -18.45
CA ILE A 357 16.11 -5.36 -18.14
C ILE A 357 16.95 -6.51 -17.56
N ASP A 358 16.30 -7.53 -17.03
CA ASP A 358 17.05 -8.65 -16.47
C ASP A 358 16.94 -9.87 -17.38
N GLY A 359 16.43 -9.65 -18.59
CA GLY A 359 16.31 -10.73 -19.56
C GLY A 359 15.02 -11.51 -19.58
N ARG A 360 14.18 -11.32 -18.57
CA ARG A 360 12.90 -12.04 -18.50
C ARG A 360 11.85 -11.56 -19.49
N GLY A 361 10.85 -12.41 -19.68
CA GLY A 361 9.74 -12.08 -20.56
C GLY A 361 8.63 -11.57 -19.65
N VAL A 362 7.73 -10.77 -20.21
CA VAL A 362 6.63 -10.18 -19.46
C VAL A 362 5.89 -11.07 -18.45
N THR A 363 5.83 -12.38 -18.68
CA THR A 363 5.13 -13.23 -17.73
C THR A 363 6.02 -14.14 -16.89
N ASP A 364 7.34 -13.95 -17.00
CA ASP A 364 8.28 -14.79 -16.25
C ASP A 364 8.49 -14.42 -14.78
N ILE A 365 8.44 -15.43 -13.93
CA ILE A 365 8.65 -15.26 -12.50
C ILE A 365 10.11 -15.62 -12.23
N ARG A 366 10.79 -14.84 -11.40
CA ARG A 366 12.18 -15.13 -11.06
C ARG A 366 12.27 -16.50 -10.38
N THR A 367 13.49 -16.98 -10.18
CA THR A 367 13.69 -18.29 -9.54
C THR A 367 13.08 -18.39 -8.14
N LEU A 368 12.25 -19.42 -7.95
CA LEU A 368 11.60 -19.66 -6.68
C LEU A 368 12.32 -20.70 -5.84
N ALA A 369 12.03 -20.70 -4.54
CA ALA A 369 12.62 -21.65 -3.61
C ALA A 369 11.84 -21.56 -2.31
N ALA A 370 11.41 -22.70 -1.80
CA ALA A 370 10.63 -22.72 -0.57
C ALA A 370 11.04 -23.86 0.33
N GLU A 371 11.03 -23.62 1.63
CA GLU A 371 11.37 -24.66 2.59
C GLU A 371 10.92 -24.27 3.99
N VAL A 372 10.61 -25.27 4.79
CA VAL A 372 10.17 -25.06 6.16
C VAL A 372 11.28 -25.55 7.08
N GLU A 373 11.09 -25.45 8.40
CA GLU A 373 12.11 -25.88 9.33
C GLU A 373 13.44 -25.23 8.95
N ALA A 374 13.44 -23.91 8.80
CA ALA A 374 14.64 -23.19 8.42
C ALA A 374 15.49 -22.74 9.61
N ILE A 375 14.84 -22.62 10.76
CA ILE A 375 15.49 -22.18 11.99
C ILE A 375 15.27 -23.20 13.11
N PRO A 376 16.31 -23.49 13.89
CA PRO A 376 16.09 -24.46 14.97
C PRO A 376 15.28 -23.88 16.13
N ARG A 377 14.72 -24.77 16.95
CA ARG A 377 13.93 -24.42 18.14
C ARG A 377 12.61 -23.66 17.98
N VAL A 378 12.55 -22.67 17.11
CA VAL A 378 11.32 -21.90 16.97
C VAL A 378 10.09 -22.76 16.64
N HIS A 379 8.92 -22.30 17.10
CA HIS A 379 7.69 -23.03 16.88
C HIS A 379 7.41 -23.37 15.43
N GLY A 380 7.78 -22.48 14.52
CA GLY A 380 7.59 -22.72 13.10
C GLY A 380 8.40 -21.72 12.29
N SER A 381 8.89 -22.13 11.13
CA SER A 381 9.66 -21.23 10.29
C SER A 381 9.64 -21.67 8.84
N ALA A 382 9.93 -20.73 7.94
CA ALA A 382 9.95 -21.02 6.53
C ALA A 382 10.82 -19.97 5.83
N LEU A 383 11.46 -20.37 4.75
CA LEU A 383 12.32 -19.47 4.00
C LEU A 383 11.75 -19.44 2.59
N PHE A 384 11.44 -18.24 2.11
CA PHE A 384 10.90 -18.08 0.77
C PHE A 384 11.82 -17.21 -0.06
N GLU A 385 12.11 -17.67 -1.27
CA GLU A 385 13.00 -16.94 -2.19
C GLU A 385 12.38 -16.79 -3.56
N ARG A 386 12.51 -15.60 -4.11
CA ARG A 386 11.99 -15.28 -5.43
C ARG A 386 12.97 -14.26 -5.94
N GLY A 387 13.96 -14.73 -6.70
CA GLY A 387 14.96 -13.80 -7.20
C GLY A 387 15.82 -13.39 -6.03
N GLU A 388 16.20 -12.12 -5.97
CA GLU A 388 17.02 -11.63 -4.87
C GLU A 388 16.19 -11.39 -3.59
N THR A 389 14.88 -11.46 -3.72
CA THR A 389 14.00 -11.27 -2.58
C THR A 389 13.97 -12.55 -1.76
N GLN A 390 14.38 -12.44 -0.51
CA GLN A 390 14.42 -13.58 0.40
C GLN A 390 13.76 -13.21 1.73
N ILE A 391 12.77 -13.99 2.13
CA ILE A 391 12.07 -13.72 3.36
C ILE A 391 12.07 -14.89 4.32
N LEU A 392 12.48 -14.64 5.55
CA LEU A 392 12.47 -15.67 6.58
C LEU A 392 11.25 -15.39 7.44
N GLY A 393 10.39 -16.39 7.60
CA GLY A 393 9.22 -16.23 8.43
C GLY A 393 9.36 -17.10 9.67
N VAL A 394 9.01 -16.57 10.83
CA VAL A 394 9.10 -17.33 12.06
C VAL A 394 7.80 -17.20 12.86
N THR A 395 7.27 -18.32 13.32
CA THR A 395 6.03 -18.34 14.08
C THR A 395 6.28 -18.66 15.56
N THR A 396 5.52 -18.01 16.43
CA THR A 396 5.61 -18.23 17.87
C THR A 396 4.16 -18.40 18.36
N LEU A 397 3.94 -19.42 19.19
CA LEU A 397 2.60 -19.69 19.71
C LEU A 397 2.62 -19.61 21.22
N ASN A 398 1.77 -18.76 21.80
CA ASN A 398 1.69 -18.63 23.25
C ASN A 398 0.22 -18.68 23.64
N LEU A 400 -3.39 -17.37 24.96
CA LEU A 400 -4.13 -16.16 24.63
C LEU A 400 -3.82 -14.96 25.52
N ARG A 401 -3.41 -15.20 26.76
CA ARG A 401 -3.09 -14.09 27.64
C ARG A 401 -1.93 -13.25 27.07
N GLU A 403 -1.90 -12.30 23.83
CA GLU A 403 -2.39 -11.54 22.68
C GLU A 403 -2.24 -10.05 23.00
N GLN A 404 -2.05 -9.24 21.96
CA GLN A 404 -1.88 -7.81 22.15
C GLN A 404 -3.14 -7.09 22.60
N GLN A 405 -2.97 -6.13 23.51
CA GLN A 405 -4.08 -5.32 24.03
C GLN A 405 -3.97 -3.93 23.39
N LEU A 406 -5.07 -3.43 22.86
CA LEU A 406 -5.10 -2.14 22.18
C LEU A 406 -6.10 -1.14 22.76
N ASP A 407 -5.68 0.12 22.85
CA ASP A 407 -6.53 1.18 23.38
C ASP A 407 -6.41 2.41 22.48
N THR A 408 -7.07 2.35 21.32
CA THR A 408 -7.02 3.44 20.36
C THR A 408 -8.43 3.86 19.99
N LEU A 409 -8.57 4.61 18.90
CA LEU A 409 -9.88 5.06 18.44
C LEU A 409 -10.48 3.99 17.56
N SER A 410 -10.31 2.74 17.97
CA SER A 410 -10.84 1.64 17.20
C SER A 410 -11.59 0.69 18.12
N PRO A 411 -12.61 0.01 17.59
CA PRO A 411 -13.38 -0.93 18.43
C PRO A 411 -12.53 -2.15 18.81
N VAL A 412 -11.46 -2.40 18.04
CA VAL A 412 -10.56 -3.52 18.28
C VAL A 412 -9.77 -3.29 19.57
N THR A 413 -9.89 -4.22 20.51
CA THR A 413 -9.22 -4.11 21.79
C THR A 413 -8.18 -5.20 22.02
N ARG A 414 -8.23 -6.25 21.21
CA ARG A 414 -7.28 -7.34 21.34
C ARG A 414 -6.90 -7.83 19.94
N LYS A 415 -5.73 -8.44 19.83
CA LYS A 415 -5.28 -8.93 18.55
C LYS A 415 -4.63 -10.29 18.75
N ARG A 416 -5.33 -11.33 18.31
CA ARG A 416 -4.88 -12.71 18.45
C ARG A 416 -3.76 -13.08 17.47
N TYR A 417 -3.76 -12.45 16.29
CA TYR A 417 -2.74 -12.71 15.27
C TYR A 417 -1.94 -11.43 15.05
N HIS A 419 1.50 -9.64 13.20
CA HIS A 419 2.55 -9.77 12.20
C HIS A 419 3.51 -8.60 12.29
N ASN A 420 4.81 -8.91 12.32
CA ASN A 420 5.85 -7.89 12.37
C ASN A 420 6.74 -8.08 11.16
N TYR A 421 7.01 -7.00 10.46
CA TYR A 421 7.83 -7.04 9.26
C TYR A 421 9.10 -6.24 9.49
N ASN A 422 10.26 -6.90 9.39
CA ASN A 422 11.55 -6.25 9.56
C ASN A 422 12.32 -6.14 8.25
N PHE A 423 12.80 -4.95 7.97
CA PHE A 423 13.54 -4.69 6.76
C PHE A 423 14.87 -4.04 7.15
N PRO A 424 15.90 -4.86 7.41
CA PRO A 424 17.22 -4.35 7.81
C PRO A 424 17.98 -3.75 6.61
N PRO A 425 18.87 -2.79 6.87
CA PRO A 425 19.65 -2.18 5.77
C PRO A 425 20.44 -3.19 4.94
N TYR A 426 21.04 -4.19 5.59
CA TYR A 426 21.83 -5.18 4.86
C TYR A 426 20.98 -5.99 3.88
N SER A 427 19.67 -5.81 3.98
CA SER A 427 18.72 -6.48 3.09
C SER A 427 19.02 -6.09 1.64
N VAL A 428 19.58 -4.89 1.48
CA VAL A 428 19.92 -4.37 0.16
C VAL A 428 21.38 -3.94 0.14
N GLY A 429 22.19 -4.60 0.96
CA GLY A 429 23.62 -4.31 1.02
C GLY A 429 24.08 -2.97 1.56
N GLU A 430 23.27 -2.29 2.37
CA GLU A 430 23.73 -1.01 2.88
C GLU A 430 23.65 -0.83 4.39
N THR A 431 24.24 0.25 4.88
CA THR A 431 24.22 0.53 6.32
C THR A 431 23.06 1.45 6.62
N GLY A 432 22.65 1.47 7.88
CA GLY A 432 21.54 2.33 8.27
C GLY A 432 21.03 2.05 9.66
N ARG A 433 20.15 2.91 10.13
CA ARG A 433 19.54 2.82 11.46
C ARG A 433 18.80 1.51 11.65
N VAL A 434 19.05 0.88 12.79
CA VAL A 434 18.38 -0.36 13.17
C VAL A 434 17.67 -0.02 14.47
N GLY A 435 16.37 0.24 14.38
CA GLY A 435 15.61 0.58 15.57
C GLY A 435 14.11 0.51 15.36
N SER A 436 13.40 1.55 15.80
CA SER A 436 11.94 1.59 15.65
C SER A 436 11.58 1.32 14.19
N PRO A 437 10.45 0.63 13.97
CA PRO A 437 10.01 0.31 12.61
C PRO A 437 9.53 1.55 11.84
N LYS A 438 9.96 1.66 10.58
CA LYS A 438 9.58 2.79 9.74
C LYS A 438 8.13 2.66 9.26
N ARG A 439 7.60 3.70 8.62
CA ARG A 439 6.23 3.64 8.14
C ARG A 439 6.03 2.57 7.10
N ARG A 440 7.06 2.30 6.31
CA ARG A 440 6.98 1.27 5.28
C ARG A 440 6.83 -0.09 5.91
N GLU A 441 7.63 -0.35 6.94
CA GLU A 441 7.55 -1.64 7.62
C GLU A 441 6.14 -1.86 8.15
N ILE A 442 5.54 -0.81 8.70
CA ILE A 442 4.19 -0.88 9.23
C ILE A 442 3.22 -1.21 8.07
N GLY A 443 3.39 -0.51 6.96
CA GLY A 443 2.55 -0.74 5.80
C GLY A 443 2.65 -2.13 5.22
N HIS A 444 3.87 -2.55 4.85
CA HIS A 444 4.05 -3.88 4.29
C HIS A 444 3.65 -4.93 5.33
N GLY A 445 4.00 -4.67 6.59
CA GLY A 445 3.63 -5.59 7.64
C GLY A 445 2.13 -5.80 7.68
N ALA A 446 1.39 -4.70 7.61
CA ALA A 446 -0.08 -4.72 7.66
C ALA A 446 -0.71 -5.45 6.49
N LEU A 447 -0.21 -5.19 5.28
CA LEU A 447 -0.76 -5.83 4.10
C LEU A 447 -0.59 -7.33 4.15
N ALA A 448 0.58 -7.79 4.56
CA ALA A 448 0.84 -9.23 4.63
C ALA A 448 0.05 -9.83 5.79
N GLU A 449 -0.28 -9.01 6.78
CA GLU A 449 -1.06 -9.48 7.91
C GLU A 449 -2.50 -9.71 7.45
N ARG A 450 -3.04 -8.71 6.77
CA ARG A 450 -4.40 -8.74 6.26
C ARG A 450 -4.62 -9.85 5.25
N ALA A 451 -3.57 -10.21 4.54
CA ALA A 451 -3.66 -11.27 3.53
C ALA A 451 -3.86 -12.64 4.17
N ILE A 452 -3.39 -12.80 5.40
CA ILE A 452 -3.49 -14.07 6.12
C ILE A 452 -4.72 -14.20 7.00
N VAL A 453 -5.13 -13.10 7.63
CA VAL A 453 -6.28 -13.08 8.52
C VAL A 453 -7.52 -13.88 8.06
N PRO A 454 -7.90 -13.78 6.77
CA PRO A 454 -9.07 -14.50 6.27
C PRO A 454 -9.05 -16.04 6.35
N VAL A 455 -7.86 -16.64 6.41
CA VAL A 455 -7.78 -18.11 6.45
C VAL A 455 -7.40 -18.69 7.81
N LEU A 456 -7.27 -17.84 8.83
CA LEU A 456 -6.90 -18.30 10.17
C LEU A 456 -8.02 -19.06 10.86
N PRO A 457 -7.66 -20.03 11.72
CA PRO A 457 -8.68 -20.81 12.44
C PRO A 457 -9.26 -19.88 13.49
N THR A 458 -10.45 -20.19 14.00
CA THR A 458 -11.07 -19.34 15.01
C THR A 458 -10.37 -19.45 16.34
N ARG A 459 -10.71 -18.54 17.23
CA ARG A 459 -10.16 -18.48 18.58
C ARG A 459 -10.48 -19.76 19.34
N GLU A 460 -11.66 -20.30 19.09
CA GLU A 460 -12.11 -21.52 19.76
C GLU A 460 -11.50 -22.78 19.16
N GLU A 461 -11.30 -22.79 17.84
CA GLU A 461 -10.70 -23.95 17.18
C GLU A 461 -9.21 -24.06 17.54
N PHE A 462 -8.55 -22.92 17.67
CA PHE A 462 -7.11 -22.85 17.96
C PHE A 462 -6.84 -21.76 19.02
N PRO A 463 -6.96 -22.11 20.31
CA PRO A 463 -6.77 -21.18 21.45
C PRO A 463 -5.34 -20.71 21.73
N TYR A 464 -4.73 -20.04 20.75
CA TYR A 464 -3.35 -19.56 20.90
C TYR A 464 -3.17 -18.13 20.39
N ALA A 465 -2.27 -17.39 21.05
CA ALA A 465 -1.94 -16.04 20.59
C ALA A 465 -0.87 -16.39 19.56
N ILE A 466 -0.96 -15.81 18.38
CA ILE A 466 0.00 -16.10 17.31
C ILE A 466 0.80 -14.90 16.85
N ARG A 467 2.13 -15.01 16.92
CA ARG A 467 2.98 -13.92 16.46
C ARG A 467 3.82 -14.38 15.28
N GLN A 468 3.61 -13.74 14.14
CA GLN A 468 4.33 -14.04 12.92
C GLN A 468 5.33 -12.93 12.61
N VAL A 469 6.60 -13.28 12.44
CA VAL A 469 7.64 -12.31 12.12
C VAL A 469 8.26 -12.60 10.77
N SER A 470 8.39 -11.59 9.93
CA SER A 470 8.99 -11.75 8.61
C SER A 470 10.28 -10.95 8.57
N GLU A 471 11.40 -11.60 8.29
CA GLU A 471 12.67 -10.91 8.23
C GLU A 471 13.05 -10.81 6.77
N ALA A 472 13.08 -9.61 6.22
CA ALA A 472 13.44 -9.45 4.81
C ALA A 472 14.97 -9.49 4.74
N LEU A 473 15.54 -10.68 4.62
CA LEU A 473 16.99 -10.85 4.59
C LEU A 473 17.61 -10.44 3.26
N GLY A 474 16.81 -10.46 2.20
CA GLY A 474 17.26 -10.07 0.89
C GLY A 474 16.11 -9.33 0.24
N SER A 475 16.38 -8.23 -0.43
CA SER A 475 15.30 -7.47 -1.03
C SER A 475 15.54 -6.91 -2.44
N ASN A 476 14.52 -6.98 -3.28
CA ASN A 476 14.55 -6.48 -4.65
C ASN A 476 13.29 -6.92 -5.41
N GLY A 477 12.12 -6.53 -4.91
CA GLY A 477 10.89 -6.92 -5.58
C GLY A 477 9.87 -7.51 -4.63
N SER A 478 8.96 -6.65 -4.19
CA SER A 478 7.89 -7.01 -3.25
C SER A 478 8.23 -8.04 -2.19
N THR A 479 8.79 -7.55 -1.09
CA THR A 479 9.13 -8.37 0.05
C THR A 479 7.82 -8.62 0.79
N SER A 480 6.88 -7.69 0.66
CA SER A 480 5.58 -7.81 1.32
C SER A 480 4.84 -9.04 0.76
N GLY A 482 6.24 -11.49 -0.76
CA GLY A 482 7.04 -12.64 -0.40
C GLY A 482 6.80 -12.97 1.07
N SER A 483 6.44 -11.94 1.82
CA SER A 483 6.19 -12.08 3.25
C SER A 483 4.92 -12.90 3.49
N VAL A 484 3.97 -12.80 2.58
CA VAL A 484 2.73 -13.57 2.67
C VAL A 484 3.05 -15.06 2.54
N CYS A 485 3.78 -15.41 1.48
CA CYS A 485 4.15 -16.80 1.21
C CYS A 485 4.91 -17.43 2.37
N ALA A 486 5.86 -16.69 2.94
CA ALA A 486 6.62 -17.20 4.07
C ALA A 486 5.71 -17.37 5.28
N SER A 487 4.73 -16.50 5.43
CA SER A 487 3.80 -16.60 6.56
C SER A 487 2.98 -17.88 6.46
N THR A 488 2.43 -18.16 5.27
CA THR A 488 1.61 -19.35 5.06
C THR A 488 2.37 -20.62 5.47
N SER A 490 5.30 -20.92 7.24
CA SER A 490 5.75 -20.86 8.62
C SER A 490 4.64 -21.27 9.57
N LEU A 491 3.45 -20.69 9.36
CA LEU A 491 2.29 -21.01 10.21
C LEU A 491 1.94 -22.51 10.12
N LEU A 492 1.92 -23.06 8.90
CA LEU A 492 1.62 -24.47 8.73
C LEU A 492 2.71 -25.31 9.41
N ASN A 493 3.96 -24.90 9.26
CA ASN A 493 5.08 -25.60 9.87
C ASN A 493 4.91 -25.65 11.39
N ALA A 494 4.26 -24.62 11.95
CA ALA A 494 4.03 -24.54 13.39
C ALA A 494 2.85 -25.39 13.85
N GLY A 495 2.01 -25.80 12.90
CA GLY A 495 0.85 -26.61 13.25
C GLY A 495 -0.45 -25.83 13.29
N VAL A 496 -0.43 -24.61 12.76
CA VAL A 496 -1.62 -23.78 12.71
C VAL A 496 -2.51 -24.26 11.58
N PRO A 497 -3.74 -24.70 11.90
CA PRO A 497 -4.66 -25.18 10.88
C PRO A 497 -5.30 -24.09 10.03
N LEU A 498 -4.59 -23.64 8.99
CA LEU A 498 -5.12 -22.61 8.12
C LEU A 498 -6.23 -23.22 7.27
N LYS A 499 -7.27 -22.45 6.99
CA LYS A 499 -8.39 -22.94 6.17
C LYS A 499 -7.95 -23.14 4.74
N ALA A 500 -6.88 -22.45 4.34
CA ALA A 500 -6.35 -22.55 2.98
C ALA A 500 -5.04 -21.76 2.91
N PRO A 501 -4.13 -22.17 2.02
CA PRO A 501 -2.83 -21.48 1.88
C PRO A 501 -2.96 -20.18 1.08
N VAL A 502 -2.09 -19.22 1.39
CA VAL A 502 -2.12 -17.93 0.71
C VAL A 502 -0.77 -17.57 0.09
N ALA A 503 -0.81 -17.04 -1.14
CA ALA A 503 0.40 -16.63 -1.85
C ALA A 503 0.22 -15.24 -2.49
N GLY A 504 1.33 -14.57 -2.78
CA GLY A 504 1.24 -13.24 -3.36
C GLY A 504 2.25 -12.96 -4.46
N ILE A 505 1.95 -11.97 -5.29
CA ILE A 505 2.80 -11.60 -6.41
C ILE A 505 2.67 -10.10 -6.67
N ALA A 506 3.77 -9.44 -7.07
CA ALA A 506 3.75 -8.00 -7.35
C ALA A 506 3.87 -7.76 -8.85
N GLY A 508 3.41 -5.10 -12.47
CA GLY A 508 3.71 -3.77 -12.96
C GLY A 508 2.99 -3.64 -14.29
N LEU A 509 2.86 -2.43 -14.80
CA LEU A 509 2.19 -2.25 -16.07
C LEU A 509 2.81 -1.07 -16.80
N ILE A 510 3.02 -1.25 -18.10
CA ILE A 510 3.62 -0.19 -18.91
C ILE A 510 2.60 0.27 -19.96
N SER A 511 2.39 1.58 -20.00
CA SER A 511 1.46 2.16 -20.95
C SER A 511 2.19 3.16 -21.83
N GLN A 512 2.34 2.82 -23.10
CA GLN A 512 3.00 3.70 -24.05
C GLN A 512 2.14 3.92 -25.27
N GLU A 513 2.10 5.16 -25.73
CA GLU A 513 1.33 5.50 -26.90
C GLU A 513 2.31 5.47 -28.07
N ILE A 514 2.27 4.39 -28.84
CA ILE A 514 3.15 4.23 -29.99
C ILE A 514 2.42 4.65 -31.25
N ASN A 515 2.67 5.90 -31.66
CA ASN A 515 2.08 6.45 -32.87
C ASN A 515 0.56 6.45 -32.80
N GLY A 516 -0.01 7.43 -32.09
CA GLY A 516 -1.45 7.53 -31.99
C GLY A 516 -2.13 6.51 -31.10
N GLU A 517 -1.82 5.23 -31.26
CA GLU A 517 -2.44 4.19 -30.44
C GLU A 517 -1.67 3.89 -29.15
N THR A 518 -2.42 3.51 -28.11
CA THR A 518 -1.83 3.19 -26.81
C THR A 518 -1.65 1.69 -26.59
N HIS A 519 -0.44 1.30 -26.19
CA HIS A 519 -0.11 -0.09 -25.93
C HIS A 519 0.05 -0.34 -24.43
N TYR A 520 -0.41 -1.50 -23.97
CA TYR A 520 -0.33 -1.87 -22.57
C TYR A 520 0.42 -3.19 -22.42
N VAL A 521 1.28 -3.27 -21.42
CA VAL A 521 2.02 -4.50 -21.17
C VAL A 521 2.10 -4.75 -19.67
N ALA A 522 1.60 -5.90 -19.23
CA ALA A 522 1.62 -6.27 -17.83
C ALA A 522 2.87 -7.09 -17.54
N LEU A 523 3.58 -6.75 -16.47
CA LEU A 523 4.81 -7.44 -16.08
C LEU A 523 4.64 -8.25 -14.79
N THR A 524 4.97 -9.54 -14.85
CA THR A 524 4.86 -10.41 -13.69
C THR A 524 6.10 -10.35 -12.80
N ASP A 525 5.88 -10.31 -11.50
CA ASP A 525 6.96 -10.27 -10.50
C ASP A 525 8.03 -9.24 -10.82
N ILE A 526 7.66 -7.97 -10.81
CA ILE A 526 8.59 -6.90 -11.14
C ILE A 526 9.74 -6.68 -10.14
N LEU A 527 10.86 -6.20 -10.68
CA LEU A 527 12.06 -5.90 -9.88
C LEU A 527 11.81 -4.51 -9.30
N GLY A 528 12.67 -4.10 -8.37
CA GLY A 528 12.51 -2.78 -7.77
C GLY A 528 12.55 -1.67 -8.81
N ALA A 529 13.47 -1.79 -9.76
CA ALA A 529 13.61 -0.79 -10.82
C ALA A 529 12.40 -0.72 -11.74
N GLU A 530 11.79 -1.86 -12.01
CA GLU A 530 10.62 -1.90 -12.88
C GLU A 530 9.44 -1.13 -12.31
N ASP A 531 9.55 -0.76 -11.04
CA ASP A 531 8.50 0.00 -10.39
C ASP A 531 8.56 1.44 -10.88
N ALA A 532 9.77 2.00 -10.90
CA ALA A 532 9.96 3.37 -11.34
C ALA A 532 9.79 3.54 -12.85
N PHE A 533 10.01 2.47 -13.60
CA PHE A 533 9.86 2.53 -15.05
C PHE A 533 8.39 2.45 -15.49
N GLY A 534 7.55 1.78 -14.70
CA GLY A 534 6.15 1.60 -15.04
C GLY A 534 5.17 2.73 -14.83
N ASP A 535 3.90 2.43 -15.12
CA ASP A 535 2.82 3.40 -14.98
C ASP A 535 1.82 2.93 -13.94
N ASP A 537 1.41 -0.03 -10.52
CA ASP A 537 2.00 -0.99 -9.62
C ASP A 537 0.88 -1.65 -8.80
N PHE A 538 0.70 -2.96 -8.92
CA PHE A 538 -0.31 -3.62 -8.10
C PHE A 538 0.15 -4.94 -7.51
N LYS A 539 -0.33 -5.22 -6.30
CA LYS A 539 0.04 -6.45 -5.62
C LYS A 539 -1.21 -7.23 -5.30
N VAL A 540 -1.16 -8.54 -5.46
CA VAL A 540 -2.30 -9.39 -5.19
C VAL A 540 -1.93 -10.63 -4.39
N ALA A 541 -2.74 -10.96 -3.39
CA ALA A 541 -2.51 -12.15 -2.57
C ALA A 541 -3.84 -12.87 -2.41
N GLY A 542 -3.79 -14.17 -2.20
CA GLY A 542 -5.01 -14.92 -2.02
C GLY A 542 -4.80 -16.40 -2.13
N THR A 543 -5.86 -17.15 -1.89
CA THR A 543 -5.84 -18.60 -1.96
C THR A 543 -6.07 -18.98 -3.42
N LYS A 544 -6.38 -20.24 -3.68
CA LYS A 544 -6.65 -20.69 -5.04
C LYS A 544 -8.04 -20.20 -5.46
N GLU A 545 -8.92 -20.02 -4.47
CA GLU A 545 -10.30 -19.59 -4.70
C GLU A 545 -10.57 -18.09 -4.80
N PHE A 546 -9.87 -17.27 -4.02
CA PHE A 546 -10.14 -15.84 -4.09
C PHE A 546 -9.02 -14.92 -3.59
N VAL A 547 -9.24 -13.63 -3.75
CA VAL A 547 -8.31 -12.59 -3.34
C VAL A 547 -8.46 -12.24 -1.85
N THR A 548 -7.34 -12.17 -1.13
CA THR A 548 -7.37 -11.83 0.29
C THR A 548 -6.79 -10.44 0.52
N ALA A 549 -6.02 -9.96 -0.44
CA ALA A 549 -5.42 -8.62 -0.32
C ALA A 549 -5.07 -8.09 -1.70
N LEU A 550 -5.28 -6.80 -1.92
CA LEU A 550 -4.97 -6.17 -3.19
C LEU A 550 -4.47 -4.76 -2.93
N GLN A 551 -3.42 -4.36 -3.63
CA GLN A 551 -2.86 -3.02 -3.47
C GLN A 551 -2.52 -2.45 -4.84
N LEU A 552 -2.99 -1.24 -5.12
CA LEU A 552 -2.74 -0.63 -6.41
C LEU A 552 -2.41 0.86 -6.35
N ASP A 553 -1.58 1.30 -7.29
CA ASP A 553 -1.18 2.71 -7.38
C ASP A 553 -0.91 3.05 -8.84
N THR A 554 -1.45 4.17 -9.30
CA THR A 554 -1.23 4.59 -10.68
C THR A 554 -1.62 6.06 -10.84
N LYS A 555 -1.24 6.62 -11.98
CA LYS A 555 -1.55 8.02 -12.32
C LYS A 555 -2.27 8.02 -13.65
N LEU A 556 -2.33 6.86 -14.29
CA LEU A 556 -2.99 6.73 -15.59
C LEU A 556 -4.45 7.18 -15.52
N ASP A 557 -4.89 7.86 -16.58
CA ASP A 557 -6.27 8.34 -16.66
C ASP A 557 -7.25 7.18 -16.63
N GLY A 558 -6.73 5.98 -16.87
CA GLY A 558 -7.58 4.82 -16.85
C GLY A 558 -7.14 3.82 -17.88
N ILE A 559 -7.50 2.55 -17.68
CA ILE A 559 -7.12 1.52 -18.63
C ILE A 559 -8.35 0.69 -18.99
N PRO A 560 -8.38 0.15 -20.22
CA PRO A 560 -9.48 -0.67 -20.72
C PRO A 560 -9.84 -1.81 -19.78
N ALA A 561 -11.14 -2.07 -19.67
CA ALA A 561 -11.62 -3.16 -18.81
C ALA A 561 -10.87 -4.44 -19.11
N SER A 562 -10.75 -4.76 -20.40
CA SER A 562 -10.07 -5.97 -20.82
C SER A 562 -8.59 -6.01 -20.41
N VAL A 563 -7.94 -4.85 -20.32
CA VAL A 563 -6.53 -4.82 -19.93
C VAL A 563 -6.39 -5.14 -18.45
N LEU A 564 -7.22 -4.51 -17.62
CA LEU A 564 -7.20 -4.73 -16.18
C LEU A 564 -7.50 -6.21 -15.90
N ALA A 565 -8.53 -6.73 -16.55
CA ALA A 565 -8.92 -8.13 -16.38
C ALA A 565 -7.76 -9.06 -16.75
N ALA A 566 -7.08 -8.75 -17.85
CA ALA A 566 -5.96 -9.54 -18.33
C ALA A 566 -4.79 -9.49 -17.36
N ALA A 567 -4.52 -8.30 -16.82
CA ALA A 567 -3.42 -8.12 -15.86
C ALA A 567 -3.70 -8.94 -14.59
N LEU A 568 -4.94 -8.86 -14.09
CA LEU A 568 -5.32 -9.59 -12.89
C LEU A 568 -5.30 -11.10 -13.14
N LYS A 569 -5.67 -11.51 -14.35
CA LYS A 569 -5.67 -12.94 -14.68
C LYS A 569 -4.23 -13.46 -14.75
N GLN A 570 -3.34 -12.61 -15.25
CA GLN A 570 -1.93 -12.96 -15.37
C GLN A 570 -1.41 -13.12 -13.93
N ALA A 571 -1.70 -12.12 -13.10
CA ALA A 571 -1.28 -12.13 -11.69
C ALA A 571 -1.82 -13.36 -10.99
N ARG A 572 -3.05 -13.76 -11.32
CA ARG A 572 -3.66 -14.94 -10.70
C ARG A 572 -2.90 -16.20 -11.09
N ASP A 573 -2.50 -16.28 -12.35
CA ASP A 573 -1.77 -17.44 -12.83
C ASP A 573 -0.46 -17.57 -12.06
N ALA A 574 0.22 -16.44 -11.87
CA ALA A 574 1.48 -16.42 -11.13
C ALA A 574 1.28 -16.89 -9.68
N ARG A 575 0.21 -16.39 -9.06
CA ARG A 575 -0.09 -16.76 -7.68
C ARG A 575 -0.32 -18.26 -7.53
N LEU A 576 -1.04 -18.86 -8.48
CA LEU A 576 -1.31 -20.29 -8.44
C LEU A 576 -0.05 -21.14 -8.61
N HIS A 577 0.87 -20.66 -9.44
CA HIS A 577 2.12 -21.38 -9.66
C HIS A 577 2.90 -21.39 -8.34
N ILE A 578 2.98 -20.21 -7.71
CA ILE A 578 3.68 -20.08 -6.44
C ILE A 578 3.08 -20.96 -5.34
N LEU A 579 1.76 -21.09 -5.34
CA LEU A 579 1.11 -21.94 -4.34
C LEU A 579 1.56 -23.40 -4.55
N ASP A 580 1.83 -23.77 -5.80
CA ASP A 580 2.28 -25.12 -6.10
C ASP A 580 3.65 -25.38 -5.52
N VAL A 581 4.55 -24.42 -5.74
CA VAL A 581 5.91 -24.55 -5.24
C VAL A 581 5.86 -24.62 -3.71
N GLU A 584 4.78 -28.04 -2.17
CA GLU A 584 5.74 -29.13 -2.23
C GLU A 584 6.57 -29.10 -0.96
N ALA A 585 6.72 -27.90 -0.39
CA ALA A 585 7.50 -27.74 0.83
C ALA A 585 6.68 -28.17 2.03
N ILE A 586 5.41 -27.77 2.06
CA ILE A 586 4.51 -28.15 3.13
C ILE A 586 3.09 -28.04 2.60
N ASP A 587 2.31 -29.07 2.88
CA ASP A 587 0.94 -29.17 2.39
C ASP A 587 -0.09 -28.97 3.51
N THR A 588 -0.01 -29.81 4.53
CA THR A 588 -0.92 -29.74 5.66
C THR A 588 -0.12 -29.28 6.88
N PRO A 589 -0.80 -28.78 7.93
CA PRO A 589 -0.05 -28.34 9.11
C PRO A 589 0.82 -29.45 9.67
N ASP A 590 1.95 -29.10 10.26
CA ASP A 590 2.85 -30.10 10.85
C ASP A 590 2.45 -30.39 12.27
N GLU A 591 3.15 -31.34 12.89
CA GLU A 591 2.89 -31.69 14.26
C GLU A 591 3.38 -30.50 15.07
N SER A 593 5.18 -28.16 17.40
CA SER A 593 6.48 -28.29 18.04
C SER A 593 6.34 -28.62 19.52
N PRO A 594 7.27 -29.42 20.07
CA PRO A 594 7.21 -29.77 21.49
C PRO A 594 7.46 -28.54 22.37
N ASN A 595 8.27 -27.61 21.86
CA ASN A 595 8.59 -26.39 22.60
C ASN A 595 7.36 -25.50 22.77
N ALA A 596 6.35 -25.72 21.95
CA ALA A 596 5.13 -24.92 22.02
C ALA A 596 4.22 -25.43 23.12
N PRO A 597 3.45 -24.53 23.74
CA PRO A 597 2.54 -24.97 24.81
C PRO A 597 1.30 -25.64 24.26
N ARG A 598 0.69 -26.52 25.05
CA ARG A 598 -0.51 -27.21 24.66
C ARG A 598 -1.68 -26.63 25.44
N ILE A 599 -2.69 -26.16 24.71
CA ILE A 599 -3.87 -25.55 25.31
C ILE A 599 -5.07 -26.47 25.04
N ILE A 600 -6.02 -26.53 25.97
CA ILE A 600 -7.19 -27.38 25.76
C ILE A 600 -8.43 -26.58 25.33
N GLN A 622 -1.92 -23.41 43.37
CA GLN A 622 -2.77 -24.50 43.83
C GLN A 622 -2.68 -25.69 42.88
N ILE A 623 -3.56 -25.71 41.87
CA ILE A 623 -3.59 -26.78 40.89
C ILE A 623 -2.53 -26.51 39.81
N GLN A 624 -2.10 -25.25 39.74
CA GLN A 624 -1.09 -24.83 38.78
C GLN A 624 0.30 -25.30 39.21
N GLU A 625 0.40 -25.75 40.45
CA GLU A 625 1.65 -26.25 41.00
C GLU A 625 1.62 -27.79 40.94
N ASP A 626 0.47 -28.35 41.29
CA ASP A 626 0.26 -29.80 41.28
C ASP A 626 0.24 -30.34 39.85
N THR A 627 -0.51 -29.67 38.97
CA THR A 627 -0.62 -30.10 37.57
C THR A 627 0.48 -29.50 36.69
N GLY A 628 1.19 -28.50 37.22
CA GLY A 628 2.26 -27.85 36.48
C GLY A 628 1.74 -27.06 35.29
N ALA A 629 0.43 -26.79 35.28
CA ALA A 629 -0.21 -26.06 34.20
C ALA A 629 -0.93 -24.80 34.67
N GLU A 630 -0.72 -23.70 33.94
CA GLU A 630 -1.36 -22.43 34.25
C GLU A 630 -2.73 -22.35 33.58
N ILE A 631 -3.76 -22.03 34.36
CA ILE A 631 -5.12 -21.94 33.84
C ILE A 631 -5.56 -20.47 33.73
N TYR A 640 -10.36 -22.34 29.75
CA TYR A 640 -9.32 -22.75 28.81
C TYR A 640 -7.95 -22.76 29.48
N ILE A 641 -7.48 -23.95 29.84
CA ILE A 641 -6.19 -24.10 30.49
C ILE A 641 -5.27 -25.04 29.72
N GLY A 642 -3.97 -24.75 29.78
CA GLY A 642 -2.99 -25.56 29.09
C GLY A 642 -1.65 -25.41 29.76
N ALA A 643 -0.92 -24.36 29.38
CA ALA A 643 0.40 -24.07 29.94
C ALA A 643 1.21 -25.33 30.21
N ALA A 644 1.06 -26.33 29.35
CA ALA A 644 1.79 -27.57 29.51
C ALA A 644 2.77 -27.68 28.35
N ASP A 645 4.01 -28.01 28.66
CA ASP A 645 5.04 -28.16 27.64
C ASP A 645 4.57 -29.18 26.61
N GLY A 646 3.53 -29.93 26.99
CA GLY A 646 2.99 -30.95 26.13
C GLY A 646 2.35 -32.04 26.98
N PRO A 647 3.09 -32.56 27.96
CA PRO A 647 2.61 -33.61 28.87
C PRO A 647 1.25 -33.31 29.49
N ALA A 648 1.25 -32.93 30.77
CA ALA A 648 0.03 -32.61 31.50
C ALA A 648 -1.13 -33.44 30.94
N ALA A 649 -0.91 -34.75 30.86
CA ALA A 649 -1.88 -35.71 30.34
C ALA A 649 -1.89 -35.66 28.81
#